data_4US1
#
_entry.id   4US1
#
_cell.length_a   149.560
_cell.length_b   149.560
_cell.length_c   199.640
_cell.angle_alpha   90.00
_cell.angle_beta   90.00
_cell.angle_gamma   90.00
#
_symmetry.space_group_name_H-M   'I 4 2 2'
#
loop_
_entity.id
_entity.type
_entity.pdbx_description
1 polymer 'GTPASE HRAS'
2 polymer 'SON OF SEVENLESS HOMOLOG 1'
3 non-polymer (3S)-3-[3-(aminomethyl)phenyl]-1-ethylpyrrolidine-2,5-dione
4 water water
#
loop_
_entity_poly.entity_id
_entity_poly.type
_entity_poly.pdbx_seq_one_letter_code
_entity_poly.pdbx_strand_id
1 'polypeptide(L)'
;MHHHHHHGGGENLYFQGSHMTEYKLVVVGAGGVGKSALTIQLIQNHFVDEYDPTIEDSYRKQVVIDGETCLLDILDTAGQ
EEYSAMRDQYMRTGEGFLCVFAINNTKSFEDIHQYREQIKRVKDSDDVPMVLVGNKCDLAARTVESRQAQDLARSYGIPY
IETSAKTRQGVEDAFYTLVREIRQH
;
R
2 'polypeptide(L)'
;MEEQMRLPSADVYRFAEPDSEENIIFEENMQPKAGIPIIKAGTVIKLIERLTYHMYADPNFVRTFLTTYRSFCKPQELLS
LIIERFEIPEPEPTEADRIAIENGDQPLSAELKRFRKEYIQPVQLRVLNVCRHWVEHHFYDFERDAYLLQRMEEFIGTVR
GKAMKKWVESITKIIQRKKIARDNGPGHNITFQSSPPTVEWHISRPGHIETFDLLTLHPIEIARQLTLLESDLYRAVQPS
ELVGSVWTKEDKEINSPNLLKMIRHTTNLTLWFEKCIVETENLEERVAVVSRIIEILQVFQELNNFNGVLEVVSAMNSSP
VYRLDHTFEQIPSRQKKILEEAHELSEDHYKKYLAKLRSINPPCVPFFGIYLTNILKTEEGNPEVLKRHGKELINFSKRR
KVAEITGEIQQYQNQPYCLRVESDIKRFFENLNPMGNSMEKEFTDYLFNKSLEIEPRNPKPLPRFPKKYSYPLKSPGVRP
SNPRPGT
;
S
#
# COMPACT_ATOMS: atom_id res chain seq x y z
N HIS A 19 12.91 -29.38 15.57
CA HIS A 19 12.17 -28.28 14.94
C HIS A 19 10.71 -28.67 14.63
N MET A 20 9.71 -27.84 15.10
CA MET A 20 8.28 -28.10 14.83
C MET A 20 7.97 -27.72 13.38
N THR A 21 6.99 -28.43 12.78
CA THR A 21 6.62 -28.21 11.38
C THR A 21 6.08 -26.79 11.16
N GLU A 22 6.57 -26.12 10.09
CA GLU A 22 6.11 -24.80 9.70
C GLU A 22 5.36 -24.94 8.38
N TYR A 23 4.13 -24.43 8.35
CA TYR A 23 3.26 -24.47 7.18
C TYR A 23 3.12 -23.08 6.57
N LYS A 24 3.66 -22.89 5.37
CA LYS A 24 3.59 -21.65 4.59
C LYS A 24 2.23 -21.63 3.88
N LEU A 25 1.28 -20.83 4.39
CA LEU A 25 -0.09 -20.72 3.89
C LEU A 25 -0.30 -19.39 3.18
N VAL A 26 -1.03 -19.41 2.06
CA VAL A 26 -1.25 -18.20 1.28
C VAL A 26 -2.74 -17.91 1.07
N VAL A 27 -3.17 -16.71 1.46
CA VAL A 27 -4.54 -16.29 1.26
C VAL A 27 -4.66 -15.60 -0.09
N VAL A 28 -5.53 -16.07 -0.97
CA VAL A 28 -5.76 -15.43 -2.27
C VAL A 28 -7.25 -15.17 -2.41
N GLY A 29 -7.57 -14.05 -3.01
CA GLY A 29 -8.97 -13.69 -3.20
C GLY A 29 -9.16 -12.29 -3.69
N ALA A 30 -10.38 -11.98 -4.08
CA ALA A 30 -10.74 -10.63 -4.53
C ALA A 30 -10.50 -9.59 -3.43
N GLY A 31 -10.18 -8.39 -3.87
CA GLY A 31 -10.06 -7.23 -3.00
C GLY A 31 -11.38 -6.47 -2.88
N GLY A 32 -11.43 -5.58 -1.91
CA GLY A 32 -12.57 -4.72 -1.65
C GLY A 32 -13.73 -5.37 -0.92
N VAL A 33 -13.55 -6.62 -0.44
CA VAL A 33 -14.58 -7.39 0.22
C VAL A 33 -14.16 -7.95 1.59
N GLY A 34 -13.28 -7.25 2.28
CA GLY A 34 -12.81 -7.60 3.62
C GLY A 34 -12.19 -8.97 3.84
N LYS A 35 -11.39 -9.47 2.89
CA LYS A 35 -10.73 -10.79 3.05
C LYS A 35 -9.72 -10.80 4.17
N SER A 36 -9.11 -9.64 4.49
CA SER A 36 -8.13 -9.53 5.57
C SER A 36 -8.64 -10.01 6.91
N ALA A 37 -9.96 -9.97 7.15
CA ALA A 37 -10.53 -10.39 8.43
C ALA A 37 -10.22 -11.82 8.76
N LEU A 38 -10.18 -12.69 7.75
CA LEU A 38 -9.91 -14.12 7.95
C LEU A 38 -8.63 -14.33 8.77
N THR A 39 -7.48 -13.84 8.26
CA THR A 39 -6.19 -13.98 8.95
C THR A 39 -6.10 -13.09 10.19
N ILE A 40 -6.63 -11.88 10.16
CA ILE A 40 -6.54 -11.01 11.34
C ILE A 40 -7.20 -11.67 12.55
N GLN A 41 -8.42 -12.17 12.37
CA GLN A 41 -9.18 -12.88 13.39
C GLN A 41 -8.50 -14.14 13.89
N LEU A 42 -7.77 -14.88 13.02
CA LEU A 42 -7.04 -16.09 13.45
C LEU A 42 -5.92 -15.70 14.42
N ILE A 43 -5.02 -14.79 13.99
CA ILE A 43 -3.83 -14.37 14.72
C ILE A 43 -4.15 -13.59 15.98
N GLN A 44 -5.11 -12.67 15.93
CA GLN A 44 -5.43 -11.95 17.15
C GLN A 44 -6.24 -12.83 18.15
N ASN A 45 -5.96 -12.68 19.45
CA ASN A 45 -6.63 -13.47 20.51
C ASN A 45 -8.12 -13.16 20.46
N HIS A 46 -8.98 -14.20 20.65
CA HIS A 46 -10.45 -14.09 20.55
C HIS A 46 -11.10 -12.90 21.32
N PHE A 47 -10.37 -12.27 22.30
CA PHE A 47 -10.88 -11.17 23.14
C PHE A 47 -10.00 -9.91 23.05
N VAL A 48 -9.14 -9.85 22.03
CA VAL A 48 -8.24 -8.71 21.79
C VAL A 48 -8.57 -8.22 20.37
N ASP A 49 -8.66 -6.89 20.17
CA ASP A 49 -8.98 -6.28 18.87
C ASP A 49 -7.95 -5.16 18.49
N GLU A 50 -6.69 -5.27 18.98
CA GLU A 50 -5.60 -4.29 18.82
C GLU A 50 -4.49 -4.83 17.85
N TYR A 51 -4.81 -4.93 16.53
CA TYR A 51 -3.90 -5.45 15.47
C TYR A 51 -2.85 -4.49 14.90
N ASP A 52 -1.56 -4.91 14.83
CA ASP A 52 -0.47 -4.14 14.19
C ASP A 52 0.17 -5.02 13.09
N PRO A 53 -0.11 -4.77 11.78
CA PRO A 53 0.43 -5.61 10.73
C PRO A 53 1.95 -5.59 10.59
N THR A 54 2.61 -4.60 11.20
CA THR A 54 4.07 -4.40 11.19
C THR A 54 4.86 -5.52 11.91
N ILE A 55 4.44 -5.92 13.11
CA ILE A 55 5.18 -6.90 13.89
C ILE A 55 5.17 -8.33 13.25
N GLU A 56 6.20 -9.16 13.54
CA GLU A 56 6.34 -10.53 13.00
C GLU A 56 5.22 -11.50 13.48
N ASP A 57 4.82 -11.36 14.76
CA ASP A 57 3.75 -12.16 15.40
C ASP A 57 2.39 -11.94 14.73
N SER A 58 2.27 -10.88 13.87
CA SER A 58 1.04 -10.53 13.16
C SER A 58 0.74 -11.52 12.02
N TYR A 59 1.75 -12.29 11.54
CA TYR A 59 1.54 -13.30 10.48
C TYR A 59 2.05 -14.72 10.86
N ARG A 60 2.48 -14.95 12.13
CA ARG A 60 2.95 -16.24 12.63
C ARG A 60 2.17 -16.65 13.87
N LYS A 61 1.74 -17.93 13.93
CA LYS A 61 0.93 -18.44 15.03
C LYS A 61 1.25 -19.88 15.31
N GLN A 62 1.58 -20.17 16.58
CA GLN A 62 1.85 -21.54 17.03
C GLN A 62 0.50 -22.15 17.39
N VAL A 63 0.16 -23.29 16.80
CA VAL A 63 -1.15 -23.94 17.02
C VAL A 63 -0.96 -25.44 17.23
N VAL A 64 -2.00 -26.10 17.78
CA VAL A 64 -2.05 -27.54 18.01
C VAL A 64 -3.23 -28.06 17.19
N ILE A 65 -2.96 -28.91 16.19
CA ILE A 65 -3.98 -29.45 15.30
C ILE A 65 -3.86 -30.99 15.35
N ASP A 66 -4.92 -31.67 15.87
CA ASP A 66 -4.98 -33.13 16.05
C ASP A 66 -3.79 -33.61 16.94
N GLY A 67 -3.49 -32.85 18.00
CA GLY A 67 -2.37 -33.12 18.89
C GLY A 67 -1.01 -32.67 18.39
N GLU A 68 -0.73 -32.75 17.08
CA GLU A 68 0.55 -32.31 16.50
C GLU A 68 0.66 -30.76 16.49
N THR A 69 1.56 -30.23 17.33
CA THR A 69 1.85 -28.81 17.41
C THR A 69 2.58 -28.38 16.16
N CYS A 70 2.25 -27.18 15.65
CA CYS A 70 2.87 -26.63 14.46
C CYS A 70 2.84 -25.10 14.48
N LEU A 71 3.56 -24.51 13.52
CA LEU A 71 3.61 -23.08 13.32
C LEU A 71 2.95 -22.74 11.98
N LEU A 72 1.96 -21.84 11.98
CA LEU A 72 1.34 -21.40 10.73
C LEU A 72 1.91 -20.05 10.34
N ASP A 73 2.54 -19.98 9.16
CA ASP A 73 3.02 -18.76 8.57
C ASP A 73 1.99 -18.43 7.48
N ILE A 74 1.30 -17.28 7.62
CA ILE A 74 0.24 -16.88 6.68
C ILE A 74 0.60 -15.63 5.91
N LEU A 75 0.61 -15.73 4.56
CA LEU A 75 0.83 -14.59 3.69
C LEU A 75 -0.49 -14.13 3.15
N ASP A 76 -0.86 -12.89 3.49
CA ASP A 76 -2.05 -12.22 2.99
C ASP A 76 -1.62 -10.84 2.46
N THR A 77 -1.58 -10.68 1.13
CA THR A 77 -1.19 -9.43 0.49
C THR A 77 -2.39 -8.48 0.28
N ALA A 78 -3.45 -8.63 1.07
CA ALA A 78 -4.60 -7.73 1.03
C ALA A 78 -4.16 -6.25 0.79
N GLY A 79 -4.69 -5.65 -0.30
CA GLY A 79 -4.40 -4.28 -0.71
C GLY A 79 -3.45 -4.17 -1.87
N GLN A 80 -2.85 -5.29 -2.29
CA GLN A 80 -1.93 -5.32 -3.44
C GLN A 80 -2.52 -5.97 -4.72
N GLU A 81 -3.83 -6.05 -4.82
CA GLU A 81 -4.53 -6.69 -5.95
C GLU A 81 -4.19 -6.13 -7.31
N GLU A 82 -3.99 -4.80 -7.41
CA GLU A 82 -3.58 -4.13 -8.65
C GLU A 82 -2.17 -4.53 -9.17
N TYR A 83 -1.29 -5.08 -8.29
CA TYR A 83 0.00 -5.62 -8.67
C TYR A 83 -0.25 -7.03 -9.15
N SER A 84 -1.05 -7.19 -10.23
CA SER A 84 -1.43 -8.51 -10.77
C SER A 84 -0.27 -9.37 -11.25
N ALA A 85 0.85 -8.74 -11.66
CA ALA A 85 2.01 -9.49 -12.13
C ALA A 85 2.89 -10.03 -10.99
N MET A 86 2.54 -9.72 -9.73
CA MET A 86 3.24 -10.21 -8.55
C MET A 86 2.58 -11.42 -7.95
N ARG A 87 1.40 -11.82 -8.42
CA ARG A 87 0.67 -12.97 -7.87
C ARG A 87 1.45 -14.25 -7.93
N ASP A 88 2.05 -14.56 -9.07
CA ASP A 88 2.81 -15.81 -9.23
C ASP A 88 3.90 -15.92 -8.18
N GLN A 89 4.67 -14.86 -8.04
CA GLN A 89 5.71 -14.76 -7.03
C GLN A 89 5.16 -15.04 -5.63
N TYR A 90 4.15 -14.29 -5.23
CA TYR A 90 3.52 -14.46 -3.93
C TYR A 90 2.98 -15.86 -3.72
N MET A 91 2.27 -16.40 -4.72
CA MET A 91 1.71 -17.73 -4.64
C MET A 91 2.74 -18.85 -4.47
N ARG A 92 3.93 -18.76 -5.14
CA ARG A 92 4.93 -19.84 -5.06
C ARG A 92 5.47 -20.08 -3.64
N THR A 93 5.41 -19.07 -2.78
CA THR A 93 5.77 -19.12 -1.36
C THR A 93 5.01 -20.21 -0.58
N GLY A 94 3.75 -20.43 -0.94
CA GLY A 94 2.83 -21.34 -0.26
C GLY A 94 2.82 -22.82 -0.59
N GLU A 95 2.54 -23.63 0.45
CA GLU A 95 2.28 -25.08 0.35
C GLU A 95 0.76 -25.27 0.24
N GLY A 96 0.00 -24.44 0.98
CA GLY A 96 -1.45 -24.51 1.02
C GLY A 96 -2.06 -23.16 0.82
N PHE A 97 -3.27 -23.15 0.24
CA PHE A 97 -3.98 -21.92 -0.14
C PHE A 97 -5.39 -21.85 0.40
N LEU A 98 -5.78 -20.66 0.86
CA LEU A 98 -7.13 -20.37 1.25
C LEU A 98 -7.62 -19.46 0.12
N CYS A 99 -8.56 -19.96 -0.69
CA CYS A 99 -9.14 -19.21 -1.80
C CYS A 99 -10.42 -18.60 -1.26
N VAL A 100 -10.38 -17.29 -1.04
CA VAL A 100 -11.38 -16.53 -0.30
C VAL A 100 -12.27 -15.64 -1.15
N PHE A 101 -13.59 -15.77 -0.95
CA PHE A 101 -14.58 -14.91 -1.57
C PHE A 101 -15.49 -14.42 -0.47
N ALA A 102 -16.25 -13.36 -0.75
CA ALA A 102 -17.22 -12.82 0.19
C ALA A 102 -18.61 -13.30 -0.21
N ILE A 103 -19.41 -13.80 0.76
CA ILE A 103 -20.75 -14.33 0.48
C ILE A 103 -21.76 -13.24 -0.03
N ASN A 104 -21.41 -11.94 0.17
CA ASN A 104 -22.19 -10.75 -0.20
C ASN A 104 -21.80 -10.21 -1.59
N ASN A 105 -20.87 -10.89 -2.29
CA ASN A 105 -20.34 -10.41 -3.55
C ASN A 105 -20.11 -11.57 -4.51
N THR A 106 -20.98 -11.69 -5.53
CA THR A 106 -20.91 -12.77 -6.51
C THR A 106 -19.67 -12.69 -7.38
N LYS A 107 -19.20 -11.51 -7.75
CA LYS A 107 -18.00 -11.38 -8.61
C LYS A 107 -16.79 -12.03 -7.93
N SER A 108 -16.60 -11.80 -6.60
CA SER A 108 -15.52 -12.42 -5.81
C SER A 108 -15.64 -13.92 -5.82
N PHE A 109 -16.86 -14.45 -5.92
CA PHE A 109 -17.09 -15.90 -6.01
C PHE A 109 -16.75 -16.39 -7.41
N GLU A 110 -17.08 -15.59 -8.43
CA GLU A 110 -16.76 -15.91 -9.83
C GLU A 110 -15.27 -15.82 -10.12
N ASP A 111 -14.52 -14.99 -9.37
CA ASP A 111 -13.07 -14.86 -9.54
C ASP A 111 -12.29 -16.10 -9.07
N ILE A 112 -12.83 -16.95 -8.17
CA ILE A 112 -12.13 -18.13 -7.61
C ILE A 112 -11.60 -19.09 -8.68
N HIS A 113 -12.36 -19.31 -9.75
CA HIS A 113 -11.93 -20.28 -10.76
C HIS A 113 -10.57 -19.93 -11.34
N GLN A 114 -10.33 -18.65 -11.67
CA GLN A 114 -9.05 -18.21 -12.21
C GLN A 114 -7.95 -18.19 -11.17
N TYR A 115 -8.27 -17.89 -9.89
CA TYR A 115 -7.29 -17.93 -8.81
C TYR A 115 -6.74 -19.33 -8.65
N ARG A 116 -7.61 -20.32 -8.64
CA ARG A 116 -7.24 -21.74 -8.56
C ARG A 116 -6.41 -22.14 -9.75
N GLU A 117 -6.83 -21.76 -10.96
CA GLU A 117 -6.07 -22.09 -12.18
C GLU A 117 -4.65 -21.51 -12.12
N GLN A 118 -4.54 -20.32 -11.56
CA GLN A 118 -3.26 -19.66 -11.40
C GLN A 118 -2.40 -20.37 -10.40
N ILE A 119 -2.97 -20.83 -9.29
CA ILE A 119 -2.25 -21.58 -8.25
C ILE A 119 -1.71 -22.89 -8.82
N LYS A 120 -2.58 -23.67 -9.49
CA LYS A 120 -2.20 -24.93 -10.15
C LYS A 120 -1.00 -24.72 -11.10
N ARG A 121 -1.03 -23.63 -11.85
CA ARG A 121 0.04 -23.30 -12.77
C ARG A 121 1.32 -22.96 -12.04
N VAL A 122 1.23 -22.14 -10.98
CA VAL A 122 2.40 -21.75 -10.19
C VAL A 122 3.07 -22.94 -9.50
N LYS A 123 2.28 -23.87 -8.95
CA LYS A 123 2.83 -25.04 -8.25
C LYS A 123 3.04 -26.18 -9.21
N ASP A 124 2.64 -26.03 -10.51
CA ASP A 124 2.78 -27.06 -11.53
C ASP A 124 2.19 -28.39 -11.01
N SER A 125 0.93 -28.32 -10.57
CA SER A 125 0.24 -29.46 -10.00
C SER A 125 -1.28 -29.26 -10.03
N ASP A 126 -2.03 -30.34 -10.28
CA ASP A 126 -3.49 -30.33 -10.29
C ASP A 126 -4.03 -30.60 -8.92
N ASP A 127 -3.19 -31.08 -8.00
CA ASP A 127 -3.56 -31.38 -6.63
C ASP A 127 -2.70 -30.55 -5.70
N VAL A 128 -3.15 -29.32 -5.39
CA VAL A 128 -2.45 -28.42 -4.49
C VAL A 128 -3.32 -28.31 -3.22
N PRO A 129 -2.77 -28.51 -1.99
CA PRO A 129 -3.61 -28.35 -0.78
C PRO A 129 -4.31 -26.99 -0.78
N MET A 130 -5.63 -27.02 -0.87
CA MET A 130 -6.44 -25.82 -1.07
C MET A 130 -7.75 -25.93 -0.34
N VAL A 131 -8.33 -24.79 -0.04
CA VAL A 131 -9.57 -24.70 0.70
C VAL A 131 -10.38 -23.53 0.14
N LEU A 132 -11.72 -23.68 0.07
CA LEU A 132 -12.58 -22.60 -0.39
C LEU A 132 -13.22 -21.96 0.84
N VAL A 133 -13.04 -20.65 1.03
CA VAL A 133 -13.59 -19.95 2.17
C VAL A 133 -14.57 -18.88 1.73
N GLY A 134 -15.79 -18.94 2.28
CA GLY A 134 -16.84 -17.97 2.09
C GLY A 134 -16.91 -17.12 3.33
N ASN A 135 -16.57 -15.83 3.21
CA ASN A 135 -16.52 -14.92 4.36
C ASN A 135 -17.75 -13.97 4.46
N LYS A 136 -18.42 -13.91 5.64
CA LYS A 136 -19.55 -13.01 5.90
C LYS A 136 -18.91 -11.78 6.59
N CYS A 137 -18.57 -10.76 5.77
CA CYS A 137 -17.81 -9.56 6.14
C CYS A 137 -18.65 -8.49 6.81
N ASP A 138 -19.96 -8.51 6.58
CA ASP A 138 -20.86 -7.51 7.14
C ASP A 138 -22.30 -8.03 7.12
N LEU A 139 -23.25 -7.18 7.58
CA LEU A 139 -24.67 -7.50 7.59
C LEU A 139 -25.35 -7.28 6.21
N ALA A 140 -24.59 -6.95 5.15
CA ALA A 140 -25.11 -6.85 3.78
C ALA A 140 -25.75 -8.19 3.32
N ALA A 141 -26.60 -8.15 2.31
CA ALA A 141 -27.32 -9.34 1.84
C ALA A 141 -26.43 -10.37 1.17
N ARG A 142 -26.73 -11.65 1.40
CA ARG A 142 -26.01 -12.78 0.83
C ARG A 142 -26.42 -12.98 -0.61
N THR A 143 -25.46 -12.99 -1.54
CA THR A 143 -25.74 -13.24 -2.96
C THR A 143 -25.25 -14.63 -3.38
N VAL A 144 -24.43 -15.29 -2.54
CA VAL A 144 -23.85 -16.58 -2.82
C VAL A 144 -24.42 -17.57 -1.83
N GLU A 145 -25.26 -18.48 -2.33
CA GLU A 145 -25.86 -19.50 -1.49
C GLU A 145 -24.84 -20.57 -1.19
N SER A 146 -24.81 -21.01 0.07
CA SER A 146 -23.88 -22.02 0.52
C SER A 146 -23.76 -23.16 -0.46
N ARG A 147 -24.92 -23.62 -0.98
CA ARG A 147 -24.99 -24.73 -1.94
C ARG A 147 -24.17 -24.47 -3.23
N GLN A 148 -24.23 -23.24 -3.78
CA GLN A 148 -23.47 -22.92 -4.98
C GLN A 148 -21.97 -23.10 -4.68
N ALA A 149 -21.53 -22.61 -3.50
CA ALA A 149 -20.13 -22.72 -3.08
C ALA A 149 -19.75 -24.14 -2.71
N GLN A 150 -20.66 -24.88 -2.11
CA GLN A 150 -20.46 -26.30 -1.76
C GLN A 150 -20.27 -27.14 -3.04
N ASP A 151 -21.05 -26.79 -4.08
CA ASP A 151 -20.97 -27.40 -5.40
C ASP A 151 -19.67 -27.09 -6.13
N LEU A 152 -19.26 -25.82 -6.11
CA LEU A 152 -17.98 -25.41 -6.71
C LEU A 152 -16.83 -26.14 -6.04
N ALA A 153 -16.85 -26.26 -4.69
CA ALA A 153 -15.76 -26.90 -3.95
C ALA A 153 -15.64 -28.39 -4.28
N ARG A 154 -16.79 -29.08 -4.32
CA ARG A 154 -16.84 -30.48 -4.70
C ARG A 154 -16.30 -30.71 -6.11
N SER A 155 -16.61 -29.84 -7.08
CA SER A 155 -16.09 -29.98 -8.44
C SER A 155 -14.55 -29.92 -8.51
N TYR A 156 -13.93 -29.14 -7.59
CA TYR A 156 -12.47 -29.01 -7.48
C TYR A 156 -11.87 -30.10 -6.60
N GLY A 157 -12.73 -30.74 -5.80
CA GLY A 157 -12.32 -31.79 -4.89
C GLY A 157 -11.65 -31.23 -3.65
N ILE A 158 -12.18 -30.13 -3.12
CA ILE A 158 -11.62 -29.49 -1.94
C ILE A 158 -12.70 -29.12 -0.91
N PRO A 159 -12.32 -28.87 0.35
CA PRO A 159 -13.31 -28.44 1.34
C PRO A 159 -13.83 -27.03 1.15
N TYR A 160 -14.96 -26.80 1.78
CA TYR A 160 -15.61 -25.52 1.78
C TYR A 160 -15.88 -25.12 3.21
N ILE A 161 -15.39 -23.95 3.64
CA ILE A 161 -15.63 -23.46 4.99
C ILE A 161 -16.23 -22.06 4.91
N GLU A 162 -17.34 -21.81 5.61
CA GLU A 162 -17.89 -20.47 5.70
C GLU A 162 -17.43 -19.86 7.01
N THR A 163 -17.15 -18.56 6.98
CA THR A 163 -16.70 -17.84 8.17
C THR A 163 -17.46 -16.55 8.32
N SER A 164 -17.43 -16.02 9.53
CA SER A 164 -18.03 -14.75 9.88
C SER A 164 -16.94 -13.86 10.41
N ALA A 165 -16.78 -12.65 9.83
CA ALA A 165 -15.77 -11.68 10.27
C ALA A 165 -16.19 -11.04 11.62
N LYS A 166 -17.48 -10.88 11.86
CA LYS A 166 -17.92 -10.28 13.12
C LYS A 166 -17.69 -11.19 14.38
N THR A 167 -18.01 -12.49 14.27
CA THR A 167 -18.01 -13.43 15.38
C THR A 167 -16.82 -14.37 15.51
N ARG A 168 -15.93 -14.42 14.50
CA ARG A 168 -14.79 -15.33 14.48
C ARG A 168 -15.24 -16.79 14.28
N GLN A 169 -16.51 -17.02 13.86
CA GLN A 169 -17.04 -18.36 13.61
C GLN A 169 -16.51 -18.90 12.30
N GLY A 170 -15.95 -20.11 12.34
CA GLY A 170 -15.39 -20.81 11.20
C GLY A 170 -13.93 -20.55 10.87
N VAL A 171 -13.33 -19.49 11.44
CA VAL A 171 -11.97 -19.02 11.11
C VAL A 171 -10.92 -20.09 11.33
N GLU A 172 -10.98 -20.72 12.48
CA GLU A 172 -10.03 -21.75 12.92
C GLU A 172 -10.22 -23.00 12.10
N ASP A 173 -11.45 -23.37 11.83
CA ASP A 173 -11.76 -24.52 11.00
C ASP A 173 -11.24 -24.32 9.57
N ALA A 174 -11.27 -23.09 9.04
CA ALA A 174 -10.79 -22.83 7.69
C ALA A 174 -9.31 -23.16 7.58
N PHE A 175 -8.52 -22.59 8.51
CA PHE A 175 -7.07 -22.81 8.57
C PHE A 175 -6.68 -24.23 8.96
N TYR A 176 -7.31 -24.78 10.00
CA TYR A 176 -7.00 -26.15 10.44
C TYR A 176 -7.32 -27.12 9.34
N THR A 177 -8.46 -26.93 8.67
CA THR A 177 -8.84 -27.81 7.55
C THR A 177 -7.77 -27.78 6.44
N LEU A 178 -7.12 -26.63 6.20
CA LEU A 178 -6.05 -26.54 5.21
C LEU A 178 -4.78 -27.28 5.65
N VAL A 179 -4.39 -27.15 6.91
CA VAL A 179 -3.24 -27.86 7.48
C VAL A 179 -3.46 -29.38 7.30
N ARG A 180 -4.67 -29.89 7.54
CA ARG A 180 -5.00 -31.30 7.33
C ARG A 180 -4.95 -31.66 5.83
N GLU A 181 -5.29 -30.72 4.94
CA GLU A 181 -5.20 -30.97 3.49
C GLU A 181 -3.73 -31.12 3.07
N ILE A 182 -2.83 -30.35 3.67
CA ILE A 182 -1.38 -30.40 3.42
C ILE A 182 -0.84 -31.74 3.98
N ARG A 183 -1.15 -32.03 5.24
CA ARG A 183 -0.71 -33.26 5.92
C ARG A 183 -1.17 -34.55 5.19
N GLN A 184 -2.43 -34.58 4.72
CA GLN A 184 -3.00 -35.72 4.00
C GLN A 184 -2.65 -35.74 2.51
N HIS A 185 -1.80 -34.81 2.03
CA HIS A 185 -1.44 -34.76 0.62
C HIS A 185 -0.64 -35.99 0.17
N GLU B 3 -2.84 27.79 39.22
CA GLU B 3 -4.10 27.69 39.96
C GLU B 3 -5.28 27.31 39.03
N GLN B 4 -6.35 26.70 39.60
CA GLN B 4 -7.55 26.27 38.85
C GLN B 4 -8.34 27.46 38.27
N MET B 5 -8.63 27.42 36.95
CA MET B 5 -9.34 28.46 36.22
C MET B 5 -10.82 28.13 36.06
N ARG B 6 -11.70 29.15 36.18
CA ARG B 6 -13.15 28.99 36.05
C ARG B 6 -13.55 29.13 34.58
N LEU B 7 -14.05 28.03 33.99
CA LEU B 7 -14.45 27.93 32.60
C LEU B 7 -15.97 27.93 32.52
N PRO B 8 -16.59 28.32 31.38
CA PRO B 8 -18.06 28.29 31.30
C PRO B 8 -18.70 26.90 31.40
N SER B 9 -20.02 26.86 31.53
CA SER B 9 -20.76 25.61 31.66
C SER B 9 -20.91 24.91 30.29
N ALA B 10 -20.96 23.56 30.32
CA ALA B 10 -21.14 22.73 29.13
C ALA B 10 -22.47 23.00 28.41
N ASP B 11 -23.48 23.55 29.15
CA ASP B 11 -24.78 23.92 28.59
C ASP B 11 -24.63 25.04 27.55
N VAL B 12 -23.63 25.94 27.75
CA VAL B 12 -23.33 27.04 26.83
C VAL B 12 -22.12 26.69 25.94
N TYR B 13 -21.07 26.04 26.52
CA TYR B 13 -19.82 25.73 25.81
C TYR B 13 -19.35 24.28 26.07
N ARG B 14 -19.55 23.40 25.06
CA ARG B 14 -19.26 21.95 25.12
C ARG B 14 -17.80 21.57 25.44
N PHE B 15 -16.83 22.38 25.01
CA PHE B 15 -15.40 22.10 25.16
C PHE B 15 -14.86 22.34 26.60
N ALA B 16 -15.71 22.91 27.50
CA ALA B 16 -15.38 23.12 28.90
C ALA B 16 -15.72 21.89 29.76
N GLU B 17 -16.37 20.84 29.19
CA GLU B 17 -16.72 19.66 29.97
C GLU B 17 -15.43 19.02 30.45
N PRO B 18 -15.31 18.69 31.74
CA PRO B 18 -14.05 18.12 32.22
C PRO B 18 -13.71 16.73 31.66
N ASP B 19 -12.41 16.40 31.70
CA ASP B 19 -11.91 15.10 31.25
C ASP B 19 -12.45 14.00 32.16
N SER B 20 -12.75 12.82 31.58
CA SER B 20 -13.15 11.62 32.31
C SER B 20 -12.83 10.37 31.51
N GLU B 21 -13.01 9.19 32.13
CA GLU B 21 -12.80 7.90 31.46
C GLU B 21 -13.86 7.68 30.33
N GLU B 22 -15.01 8.38 30.43
CA GLU B 22 -16.12 8.30 29.49
C GLU B 22 -15.97 9.22 28.27
N ASN B 23 -14.95 10.10 28.24
CA ASN B 23 -14.78 11.00 27.09
C ASN B 23 -13.34 11.09 26.54
N ILE B 24 -12.28 10.76 27.32
CA ILE B 24 -10.92 10.83 26.79
C ILE B 24 -9.97 9.90 27.54
N ILE B 25 -9.26 9.03 26.78
CA ILE B 25 -8.26 8.11 27.32
C ILE B 25 -6.97 8.29 26.57
N PHE B 26 -5.88 7.89 27.23
CA PHE B 26 -4.53 8.09 26.78
C PHE B 26 -3.76 6.80 26.76
N GLU B 27 -2.65 6.84 26.03
CA GLU B 27 -1.68 5.75 25.93
C GLU B 27 -0.74 5.90 27.12
N GLU B 28 0.00 4.84 27.50
CA GLU B 28 0.93 4.88 28.64
C GLU B 28 2.17 5.77 28.39
N ASN B 29 2.78 5.70 27.16
CA ASN B 29 3.96 6.49 26.80
C ASN B 29 3.62 8.00 26.52
N MET B 30 4.66 8.83 26.27
CA MET B 30 4.53 10.28 26.04
C MET B 30 5.12 10.69 24.70
N GLN B 31 4.50 11.71 24.09
CA GLN B 31 4.86 12.17 22.73
C GLN B 31 6.35 12.24 22.51
N PRO B 32 6.91 11.48 21.54
CA PRO B 32 8.36 11.58 21.28
C PRO B 32 8.75 13.00 20.87
N LYS B 33 9.95 13.43 21.32
CA LYS B 33 10.53 14.76 21.19
C LYS B 33 9.82 15.88 22.02
N ALA B 34 8.51 15.74 22.45
CA ALA B 34 7.73 16.83 23.08
C ALA B 34 7.13 16.63 24.50
N GLY B 35 7.12 15.44 25.07
CA GLY B 35 6.59 15.25 26.43
C GLY B 35 5.10 15.50 26.67
N ILE B 36 4.31 15.40 25.62
CA ILE B 36 2.89 15.66 25.61
C ILE B 36 2.16 14.32 25.69
N PRO B 37 1.05 14.20 26.44
CA PRO B 37 0.33 12.91 26.47
C PRO B 37 -0.14 12.43 25.09
N ILE B 38 -0.12 11.11 24.89
CA ILE B 38 -0.55 10.50 23.62
C ILE B 38 -2.00 10.07 23.81
N ILE B 39 -2.91 10.64 23.03
CA ILE B 39 -4.34 10.32 23.09
C ILE B 39 -4.62 8.96 22.43
N LYS B 40 -5.22 8.01 23.15
CA LYS B 40 -5.58 6.70 22.61
C LYS B 40 -6.96 6.79 21.93
N ALA B 41 -7.92 7.46 22.61
CA ALA B 41 -9.28 7.62 22.12
C ALA B 41 -10.01 8.73 22.81
N GLY B 42 -11.03 9.25 22.16
CA GLY B 42 -11.85 10.30 22.77
C GLY B 42 -13.10 10.62 21.97
N THR B 43 -13.93 11.52 22.50
CA THR B 43 -15.13 11.97 21.79
C THR B 43 -14.65 13.01 20.81
N VAL B 44 -15.44 13.28 19.78
CA VAL B 44 -15.06 14.27 18.77
C VAL B 44 -14.80 15.64 19.41
N ILE B 45 -15.66 16.06 20.37
CA ILE B 45 -15.53 17.32 21.10
C ILE B 45 -14.20 17.37 21.85
N LYS B 46 -13.86 16.26 22.57
CA LYS B 46 -12.58 16.15 23.28
C LYS B 46 -11.41 16.14 22.30
N LEU B 47 -11.57 15.55 21.10
CA LEU B 47 -10.47 15.54 20.12
C LEU B 47 -10.29 16.94 19.59
N ILE B 48 -11.39 17.65 19.27
CA ILE B 48 -11.32 19.06 18.84
C ILE B 48 -10.74 19.93 19.95
N GLU B 49 -11.10 19.68 21.23
CA GLU B 49 -10.54 20.45 22.35
C GLU B 49 -9.03 20.32 22.34
N ARG B 50 -8.53 19.08 22.27
CA ARG B 50 -7.11 18.80 22.27
C ARG B 50 -6.37 19.21 21.01
N LEU B 51 -7.11 19.40 19.91
CA LEU B 51 -6.58 19.89 18.64
C LEU B 51 -6.28 21.40 18.76
N THR B 52 -7.06 22.09 19.62
CA THR B 52 -6.98 23.51 19.89
C THR B 52 -6.83 23.73 21.42
N TYR B 53 -5.87 23.00 22.06
CA TYR B 53 -5.67 23.03 23.52
C TYR B 53 -4.99 24.32 23.99
N HIS B 54 -5.46 24.89 25.11
CA HIS B 54 -4.92 26.15 25.62
C HIS B 54 -3.56 26.01 26.32
N MET B 55 -3.33 24.89 27.02
CA MET B 55 -2.08 24.72 27.75
C MET B 55 -0.84 24.69 26.86
N TYR B 56 -0.92 24.01 25.71
CA TYR B 56 0.21 23.89 24.78
C TYR B 56 -0.24 23.61 23.36
N ALA B 57 0.65 23.83 22.42
CA ALA B 57 0.42 23.56 21.00
C ALA B 57 0.86 22.11 20.77
N ASP B 58 0.14 21.38 19.90
CA ASP B 58 0.35 19.94 19.64
C ASP B 58 0.44 19.69 18.13
N PRO B 59 1.52 20.14 17.49
CA PRO B 59 1.66 19.93 16.03
C PRO B 59 1.49 18.52 15.53
N ASN B 60 1.99 17.51 16.24
CA ASN B 60 1.87 16.12 15.77
C ASN B 60 0.44 15.66 15.74
N PHE B 61 -0.32 15.99 16.76
CA PHE B 61 -1.74 15.62 16.82
C PHE B 61 -2.51 16.35 15.69
N VAL B 62 -2.21 17.63 15.44
CA VAL B 62 -2.82 18.44 14.37
C VAL B 62 -2.57 17.80 13.00
N ARG B 63 -1.31 17.47 12.76
CA ARG B 63 -0.81 16.81 11.56
C ARG B 63 -1.52 15.45 11.36
N THR B 64 -1.70 14.68 12.44
CA THR B 64 -2.37 13.39 12.39
C THR B 64 -3.83 13.57 12.16
N PHE B 65 -4.45 14.48 12.90
CA PHE B 65 -5.88 14.72 12.83
C PHE B 65 -6.28 15.10 11.42
N LEU B 66 -5.68 16.16 10.88
CA LEU B 66 -6.07 16.67 9.58
C LEU B 66 -5.82 15.70 8.43
N THR B 67 -4.92 14.73 8.64
CA THR B 67 -4.63 13.67 7.68
C THR B 67 -5.69 12.55 7.74
N THR B 68 -6.22 12.20 8.94
CA THR B 68 -7.12 11.07 9.14
C THR B 68 -8.52 11.33 9.67
N TYR B 69 -8.93 12.56 9.90
CA TYR B 69 -10.25 12.83 10.49
C TYR B 69 -11.50 12.42 9.70
N ARG B 70 -11.40 12.33 8.38
CA ARG B 70 -12.54 12.10 7.48
C ARG B 70 -13.30 10.77 7.71
N SER B 71 -12.64 9.77 8.36
CA SER B 71 -13.25 8.49 8.71
C SER B 71 -14.27 8.62 9.81
N PHE B 72 -14.14 9.63 10.68
CA PHE B 72 -15.06 9.82 11.79
C PHE B 72 -15.79 11.17 11.82
N CYS B 73 -15.46 12.10 10.92
CA CYS B 73 -16.09 13.41 10.92
C CYS B 73 -16.02 14.00 9.51
N LYS B 74 -17.08 14.64 9.04
CA LYS B 74 -17.09 15.22 7.69
C LYS B 74 -16.43 16.62 7.70
N PRO B 75 -15.69 17.00 6.64
CA PRO B 75 -15.06 18.36 6.61
C PRO B 75 -15.97 19.50 7.07
N GLN B 76 -17.18 19.51 6.54
CA GLN B 76 -18.24 20.47 6.87
C GLN B 76 -18.49 20.45 8.40
N GLU B 77 -18.62 19.25 9.01
CA GLU B 77 -18.84 19.05 10.46
C GLU B 77 -17.63 19.50 11.28
N LEU B 78 -16.41 19.25 10.81
CA LEU B 78 -15.19 19.69 11.50
C LEU B 78 -15.12 21.24 11.59
N LEU B 79 -15.34 21.95 10.45
CA LEU B 79 -15.33 23.43 10.37
C LEU B 79 -16.28 24.04 11.39
N SER B 80 -17.49 23.49 11.46
CA SER B 80 -18.52 23.90 12.41
C SER B 80 -18.02 23.77 13.83
N LEU B 81 -17.42 22.61 14.14
CA LEU B 81 -16.82 22.32 15.45
C LEU B 81 -15.69 23.28 15.79
N ILE B 82 -14.82 23.63 14.83
CA ILE B 82 -13.72 24.57 15.13
C ILE B 82 -14.25 26.01 15.20
N ILE B 83 -15.35 26.34 14.48
CA ILE B 83 -15.98 27.65 14.60
C ILE B 83 -16.62 27.71 16.01
N GLU B 84 -17.25 26.60 16.44
CA GLU B 84 -17.86 26.50 17.77
C GLU B 84 -16.78 26.68 18.85
N ARG B 85 -15.59 26.07 18.65
CA ARG B 85 -14.46 26.14 19.59
C ARG B 85 -14.00 27.58 19.77
N PHE B 86 -13.85 28.32 18.65
CA PHE B 86 -13.39 29.71 18.62
C PHE B 86 -14.34 30.63 19.37
N GLU B 87 -15.66 30.44 19.15
CA GLU B 87 -16.72 31.26 19.75
C GLU B 87 -16.83 30.92 21.23
N ILE B 88 -15.94 31.52 22.03
CA ILE B 88 -15.88 31.26 23.46
C ILE B 88 -16.73 32.27 24.22
N PRO B 89 -17.71 31.83 25.03
CA PRO B 89 -18.44 32.77 25.88
C PRO B 89 -17.67 32.97 27.18
N GLU B 90 -17.60 34.21 27.68
CA GLU B 90 -16.94 34.48 28.98
C GLU B 90 -17.79 33.82 30.11
N PRO B 91 -17.21 33.39 31.26
CA PRO B 91 -18.05 32.80 32.32
C PRO B 91 -19.08 33.81 32.90
N GLU B 92 -20.25 33.31 33.40
CA GLU B 92 -21.37 34.10 33.93
C GLU B 92 -20.96 35.23 34.89
C LEU B 108 -11.27 43.68 35.67
N SER B 109 -11.98 42.56 35.90
CA SER B 109 -11.69 41.69 37.06
C SER B 109 -10.48 40.78 36.82
N ALA B 110 -9.99 40.13 37.89
CA ALA B 110 -8.84 39.21 37.83
C ALA B 110 -9.17 37.95 37.03
N GLU B 111 -10.38 37.39 37.28
CA GLU B 111 -10.87 36.18 36.61
C GLU B 111 -11.01 36.35 35.09
N LEU B 112 -11.71 37.41 34.64
CA LEU B 112 -11.94 37.64 33.21
C LEU B 112 -10.66 38.06 32.43
N LYS B 113 -9.77 38.87 33.02
CA LYS B 113 -8.53 39.29 32.33
C LYS B 113 -7.57 38.12 32.08
N ARG B 114 -7.46 37.20 33.06
CA ARG B 114 -6.59 36.01 32.97
C ARG B 114 -7.19 34.98 31.99
N PHE B 115 -8.52 34.80 32.01
CA PHE B 115 -9.24 33.90 31.11
C PHE B 115 -9.01 34.34 29.65
N ARG B 116 -9.08 35.66 29.40
CA ARG B 116 -8.83 36.23 28.05
C ARG B 116 -7.41 35.92 27.54
N LYS B 117 -6.39 36.00 28.43
CA LYS B 117 -4.98 35.79 28.06
C LYS B 117 -4.54 34.33 28.11
N GLU B 118 -5.10 33.54 29.05
CA GLU B 118 -4.74 32.12 29.26
C GLU B 118 -5.71 31.09 28.66
N TYR B 119 -6.89 31.51 28.16
CA TYR B 119 -7.85 30.59 27.53
C TYR B 119 -8.30 31.10 26.17
N ILE B 120 -8.99 32.23 26.12
CA ILE B 120 -9.52 32.72 24.85
C ILE B 120 -8.42 32.94 23.80
N GLN B 121 -7.38 33.74 24.10
CA GLN B 121 -6.32 33.99 23.11
C GLN B 121 -5.63 32.69 22.68
N PRO B 122 -5.07 31.85 23.58
CA PRO B 122 -4.44 30.60 23.13
C PRO B 122 -5.35 29.69 22.30
N VAL B 123 -6.64 29.49 22.70
CA VAL B 123 -7.57 28.61 21.98
C VAL B 123 -7.89 29.17 20.60
N GLN B 124 -8.22 30.46 20.52
CA GLN B 124 -8.54 31.14 19.26
C GLN B 124 -7.34 31.10 18.30
N LEU B 125 -6.14 31.18 18.86
CA LEU B 125 -4.90 31.15 18.11
C LEU B 125 -4.66 29.76 17.55
N ARG B 126 -5.01 28.72 18.33
CA ARG B 126 -4.80 27.32 17.91
C ARG B 126 -5.82 26.88 16.86
N VAL B 127 -7.08 27.39 16.89
CA VAL B 127 -8.05 27.06 15.83
C VAL B 127 -7.56 27.70 14.54
N LEU B 128 -6.93 28.88 14.62
CA LEU B 128 -6.38 29.52 13.42
C LEU B 128 -5.21 28.73 12.85
N ASN B 129 -4.40 28.05 13.70
CA ASN B 129 -3.31 27.18 13.21
C ASN B 129 -3.90 25.97 12.43
N VAL B 130 -5.00 25.38 12.93
CA VAL B 130 -5.71 24.25 12.32
C VAL B 130 -6.18 24.64 10.92
N CYS B 131 -6.91 25.77 10.83
CA CYS B 131 -7.39 26.33 9.57
C CYS B 131 -6.25 26.49 8.58
N ARG B 132 -5.09 26.97 9.06
CA ARG B 132 -3.91 27.24 8.24
C ARG B 132 -3.29 25.97 7.76
N HIS B 133 -3.15 25.00 8.64
CA HIS B 133 -2.59 23.69 8.30
C HIS B 133 -3.54 22.92 7.36
N TRP B 134 -4.85 23.04 7.59
CA TRP B 134 -5.91 22.46 6.76
C TRP B 134 -5.82 22.97 5.32
N VAL B 135 -5.82 24.28 5.19
CA VAL B 135 -5.80 24.97 3.89
C VAL B 135 -4.49 24.73 3.14
N GLU B 136 -3.40 24.55 3.87
CA GLU B 136 -2.08 24.37 3.31
C GLU B 136 -1.81 22.94 2.88
N HIS B 137 -2.10 21.96 3.75
CA HIS B 137 -1.73 20.57 3.50
C HIS B 137 -2.87 19.66 3.03
N HIS B 138 -4.16 20.05 3.29
CA HIS B 138 -5.33 19.27 2.88
C HIS B 138 -6.33 20.13 2.11
N PHE B 139 -5.81 20.95 1.19
CA PHE B 139 -6.63 21.87 0.39
C PHE B 139 -7.70 21.15 -0.43
N TYR B 140 -7.47 19.87 -0.79
CA TYR B 140 -8.42 19.05 -1.54
C TYR B 140 -9.83 19.03 -0.96
N ASP B 141 -9.96 19.14 0.38
CA ASP B 141 -11.28 19.24 1.03
C ASP B 141 -12.08 20.45 0.52
N PHE B 142 -11.37 21.55 0.21
CA PHE B 142 -11.94 22.81 -0.28
C PHE B 142 -12.14 22.77 -1.80
N GLU B 143 -11.22 22.10 -2.55
CA GLU B 143 -11.35 21.93 -4.02
C GLU B 143 -12.58 21.12 -4.40
N ARG B 144 -12.95 20.16 -3.53
CA ARG B 144 -14.06 19.24 -3.74
C ARG B 144 -15.36 19.70 -3.11
N ASP B 145 -15.33 20.77 -2.30
CA ASP B 145 -16.52 21.35 -1.67
C ASP B 145 -16.32 22.85 -1.63
N ALA B 146 -16.77 23.57 -2.69
CA ALA B 146 -16.68 25.02 -2.78
C ALA B 146 -17.45 25.70 -1.64
N TYR B 147 -18.56 25.09 -1.15
CA TYR B 147 -19.28 25.68 -0.02
C TYR B 147 -18.42 25.63 1.27
N LEU B 148 -17.56 24.60 1.43
CA LEU B 148 -16.63 24.49 2.54
C LEU B 148 -15.66 25.66 2.50
N LEU B 149 -15.18 26.03 1.29
CA LEU B 149 -14.27 27.18 1.17
C LEU B 149 -15.01 28.53 1.40
N GLN B 150 -16.31 28.62 1.01
CA GLN B 150 -17.12 29.82 1.25
C GLN B 150 -17.19 30.04 2.77
N ARG B 151 -17.57 28.99 3.50
CA ARG B 151 -17.64 29.00 4.96
C ARG B 151 -16.30 29.31 5.65
N MET B 152 -15.18 28.76 5.15
CA MET B 152 -13.86 29.03 5.75
C MET B 152 -13.55 30.51 5.56
N GLU B 153 -13.54 30.99 4.30
CA GLU B 153 -13.30 32.41 3.97
C GLU B 153 -14.27 33.35 4.75
N GLU B 154 -15.53 32.93 4.92
CA GLU B 154 -16.55 33.70 5.63
C GLU B 154 -16.18 33.84 7.08
N PHE B 155 -15.89 32.69 7.74
CA PHE B 155 -15.48 32.64 9.14
C PHE B 155 -14.26 33.54 9.36
N ILE B 156 -13.20 33.32 8.56
CA ILE B 156 -11.94 34.08 8.65
C ILE B 156 -12.18 35.59 8.54
N GLY B 157 -13.20 36.01 7.79
CA GLY B 157 -13.58 37.41 7.69
C GLY B 157 -14.11 37.99 9.00
N THR B 158 -14.88 37.17 9.78
CA THR B 158 -15.44 37.62 11.07
C THR B 158 -14.35 37.75 12.16
N VAL B 159 -13.18 37.09 11.97
CA VAL B 159 -12.10 37.10 12.97
C VAL B 159 -11.46 38.50 13.04
N ARG B 160 -11.49 39.09 14.24
CA ARG B 160 -10.91 40.41 14.53
C ARG B 160 -10.07 40.32 15.82
N GLY B 161 -9.02 41.13 15.89
CA GLY B 161 -8.11 41.17 17.03
C GLY B 161 -6.72 41.62 16.66
N LYS B 162 -5.87 41.84 17.68
CA LYS B 162 -4.49 42.29 17.48
C LYS B 162 -3.61 41.13 17.02
N ALA B 163 -3.61 40.03 17.78
CA ALA B 163 -2.81 38.85 17.48
C ALA B 163 -3.31 38.07 16.25
N MET B 164 -4.58 38.26 15.88
CA MET B 164 -5.24 37.52 14.81
C MET B 164 -4.84 38.01 13.42
N LYS B 165 -4.86 39.35 13.18
CA LYS B 165 -4.56 39.98 11.87
C LYS B 165 -3.40 39.32 11.10
N LYS B 166 -2.32 38.98 11.82
CA LYS B 166 -1.13 38.32 11.28
C LYS B 166 -1.51 36.95 10.67
N TRP B 167 -2.23 36.09 11.44
CA TRP B 167 -2.61 34.74 11.03
C TRP B 167 -3.76 34.75 10.02
N VAL B 168 -4.73 35.67 10.19
CA VAL B 168 -5.86 35.83 9.26
C VAL B 168 -5.35 36.22 7.87
N GLU B 169 -4.30 37.05 7.79
CA GLU B 169 -3.71 37.44 6.50
C GLU B 169 -2.89 36.30 5.87
N SER B 170 -2.24 35.46 6.70
CA SER B 170 -1.48 34.30 6.20
C SER B 170 -2.43 33.25 5.62
N ILE B 171 -3.56 33.00 6.29
CA ILE B 171 -4.55 32.05 5.81
C ILE B 171 -5.08 32.54 4.45
N THR B 172 -5.43 33.84 4.34
CA THR B 172 -5.90 34.45 3.10
C THR B 172 -4.85 34.34 1.97
N LYS B 173 -3.56 34.49 2.31
CA LYS B 173 -2.48 34.40 1.33
C LYS B 173 -2.24 32.97 0.89
N ILE B 174 -2.59 31.96 1.72
CA ILE B 174 -2.47 30.56 1.31
C ILE B 174 -3.68 30.23 0.39
N ILE B 175 -4.90 30.63 0.82
CA ILE B 175 -6.11 30.36 0.05
C ILE B 175 -5.99 30.83 -1.38
N GLN B 176 -5.63 32.10 -1.59
CA GLN B 176 -5.47 32.68 -2.95
C GLN B 176 -4.34 32.03 -3.78
N ARG B 177 -3.28 31.57 -3.13
CA ARG B 177 -2.20 30.86 -3.82
C ARG B 177 -2.73 29.49 -4.30
N LYS B 178 -3.46 28.78 -3.41
CA LYS B 178 -4.01 27.47 -3.71
C LYS B 178 -5.09 27.56 -4.79
N LYS B 179 -5.86 28.65 -4.79
CA LYS B 179 -6.89 28.89 -5.82
C LYS B 179 -6.25 29.24 -7.18
N ILE B 180 -5.10 29.97 -7.20
CA ILE B 180 -4.43 30.37 -8.45
C ILE B 180 -4.05 29.17 -9.31
N ALA B 181 -3.10 28.33 -8.83
CA ALA B 181 -2.65 27.12 -9.54
C ALA B 181 -2.16 27.41 -10.97
N PHE B 192 18.08 21.20 -8.47
CA PHE B 192 18.81 22.10 -7.58
C PHE B 192 20.06 21.41 -6.95
N GLN B 193 20.97 20.87 -7.80
CA GLN B 193 22.19 20.16 -7.37
C GLN B 193 23.40 20.60 -8.29
N SER B 194 24.32 19.65 -8.65
CA SER B 194 25.45 19.85 -9.59
C SER B 194 25.08 19.18 -10.95
N SER B 195 26.06 18.99 -11.87
CA SER B 195 25.80 18.39 -13.18
C SER B 195 25.62 16.84 -13.10
N PRO B 196 24.53 16.27 -13.70
CA PRO B 196 24.31 14.82 -13.62
C PRO B 196 25.13 14.01 -14.61
N PRO B 197 25.18 12.67 -14.44
CA PRO B 197 25.96 11.85 -15.39
C PRO B 197 25.48 11.95 -16.84
N THR B 198 26.41 11.70 -17.76
CA THR B 198 26.09 11.79 -19.18
C THR B 198 25.16 10.65 -19.56
N VAL B 199 24.16 10.98 -20.42
CA VAL B 199 23.22 9.98 -20.89
C VAL B 199 24.02 8.93 -21.65
N GLU B 200 23.76 7.66 -21.31
CA GLU B 200 24.42 6.51 -21.93
C GLU B 200 23.63 6.05 -23.14
N TRP B 201 24.34 5.69 -24.23
CA TRP B 201 23.74 5.16 -25.47
C TRP B 201 24.43 3.87 -25.87
N HIS B 202 23.71 2.93 -26.54
CA HIS B 202 24.29 1.67 -26.98
C HIS B 202 24.12 1.52 -28.53
N ILE B 203 23.25 0.66 -29.05
CA ILE B 203 23.09 0.50 -30.49
C ILE B 203 22.20 1.64 -31.01
N SER B 204 21.04 1.82 -30.40
CA SER B 204 20.13 2.91 -30.75
C SER B 204 20.84 4.24 -30.49
N ARG B 205 20.76 5.17 -31.45
CA ARG B 205 21.41 6.46 -31.32
C ARG B 205 20.36 7.52 -30.92
N PRO B 206 20.79 8.69 -30.40
CA PRO B 206 19.81 9.72 -30.01
C PRO B 206 18.92 10.15 -31.17
N GLY B 207 17.63 10.28 -30.90
CA GLY B 207 16.62 10.59 -31.90
C GLY B 207 16.06 9.39 -32.66
N HIS B 208 16.79 8.25 -32.75
CA HIS B 208 16.33 7.07 -33.49
C HIS B 208 15.45 6.20 -32.60
N ILE B 209 14.28 6.78 -32.27
CA ILE B 209 13.25 6.19 -31.43
C ILE B 209 12.67 4.90 -31.99
N GLU B 210 12.75 4.74 -33.31
CA GLU B 210 12.18 3.63 -34.06
C GLU B 210 12.93 2.34 -33.75
N THR B 211 14.23 2.43 -33.42
CA THR B 211 15.07 1.27 -33.11
C THR B 211 15.07 0.91 -31.61
N PHE B 212 14.61 1.82 -30.72
CA PHE B 212 14.60 1.62 -29.26
C PHE B 212 13.90 0.32 -28.91
N ASP B 213 14.55 -0.50 -28.09
CA ASP B 213 14.06 -1.79 -27.60
C ASP B 213 14.91 -2.18 -26.37
N LEU B 214 14.63 -3.35 -25.77
CA LEU B 214 15.36 -3.79 -24.60
C LEU B 214 16.84 -3.90 -24.85
N LEU B 215 17.25 -4.60 -25.90
CA LEU B 215 18.68 -4.80 -26.17
C LEU B 215 19.37 -3.65 -26.92
N THR B 216 18.64 -2.70 -27.57
CA THR B 216 19.28 -1.61 -28.31
C THR B 216 19.59 -0.41 -27.46
N LEU B 217 18.74 -0.11 -26.45
CA LEU B 217 19.02 0.99 -25.53
C LEU B 217 20.07 0.50 -24.53
N HIS B 218 20.79 1.43 -23.89
CA HIS B 218 21.84 1.06 -22.94
C HIS B 218 21.20 0.57 -21.65
N PRO B 219 21.63 -0.59 -21.07
CA PRO B 219 21.03 -1.05 -19.83
C PRO B 219 21.09 -0.07 -18.67
N ILE B 220 22.12 0.83 -18.61
CA ILE B 220 22.22 1.85 -17.54
C ILE B 220 21.13 2.89 -17.74
N GLU B 221 20.90 3.31 -18.99
CA GLU B 221 19.90 4.32 -19.28
C GLU B 221 18.47 3.80 -19.17
N ILE B 222 18.23 2.53 -19.47
CA ILE B 222 16.91 1.93 -19.31
C ILE B 222 16.56 2.03 -17.83
N ALA B 223 17.47 1.53 -16.98
CA ALA B 223 17.32 1.56 -15.53
C ALA B 223 17.24 3.00 -14.98
N ARG B 224 17.99 3.96 -15.55
CA ARG B 224 17.91 5.35 -15.07
C ARG B 224 16.59 5.98 -15.44
N GLN B 225 16.20 5.87 -16.72
CA GLN B 225 14.97 6.48 -17.19
C GLN B 225 13.75 5.84 -16.56
N LEU B 226 13.77 4.50 -16.36
CA LEU B 226 12.68 3.86 -15.62
C LEU B 226 12.64 4.32 -14.16
N THR B 227 13.81 4.55 -13.53
CA THR B 227 13.87 5.05 -12.14
C THR B 227 13.33 6.46 -12.05
N LEU B 228 13.57 7.33 -13.05
CA LEU B 228 12.99 8.69 -13.02
C LEU B 228 11.45 8.66 -13.09
N LEU B 229 10.89 7.84 -14.00
CA LEU B 229 9.43 7.70 -14.17
C LEU B 229 8.78 7.22 -12.90
N GLU B 230 9.33 6.13 -12.38
CA GLU B 230 8.88 5.43 -11.19
C GLU B 230 9.05 6.29 -9.94
N SER B 231 10.08 7.18 -9.93
CA SER B 231 10.28 8.13 -8.83
C SER B 231 9.20 9.20 -8.88
N ASP B 232 8.93 9.76 -10.05
CA ASP B 232 7.85 10.75 -10.21
C ASP B 232 6.49 10.13 -9.87
N LEU B 233 6.23 8.93 -10.38
CA LEU B 233 4.98 8.24 -10.08
C LEU B 233 4.82 8.02 -8.57
N TYR B 234 5.92 7.62 -7.89
CA TYR B 234 5.93 7.42 -6.44
C TYR B 234 5.62 8.74 -5.73
N ARG B 235 6.30 9.83 -6.12
CA ARG B 235 6.14 11.16 -5.51
C ARG B 235 4.77 11.82 -5.66
N ALA B 236 4.04 11.46 -6.71
CA ALA B 236 2.74 12.03 -7.04
C ALA B 236 1.58 11.53 -6.18
N VAL B 237 1.78 10.41 -5.43
CA VAL B 237 0.75 9.77 -4.60
C VAL B 237 0.59 10.52 -3.29
N GLN B 238 -0.65 10.91 -2.99
CA GLN B 238 -0.97 11.67 -1.79
C GLN B 238 -1.69 10.81 -0.75
N PRO B 239 -1.68 11.23 0.52
CA PRO B 239 -2.36 10.43 1.54
C PRO B 239 -3.87 10.38 1.37
N SER B 240 -4.48 11.35 0.66
CA SER B 240 -5.93 11.35 0.35
C SER B 240 -6.31 10.11 -0.45
N GLU B 241 -5.34 9.55 -1.21
CA GLU B 241 -5.51 8.35 -2.01
C GLU B 241 -5.32 7.06 -1.18
N LEU B 242 -4.79 7.15 0.06
CA LEU B 242 -4.43 6.01 0.92
C LEU B 242 -5.27 5.90 2.17
N VAL B 243 -5.41 6.99 2.90
CA VAL B 243 -6.22 6.97 4.11
C VAL B 243 -7.62 6.47 3.75
N GLY B 244 -8.17 5.64 4.62
CA GLY B 244 -9.48 5.03 4.43
C GLY B 244 -9.49 3.89 3.44
N SER B 245 -8.30 3.33 3.08
CA SER B 245 -8.16 2.19 2.14
C SER B 245 -8.92 2.42 0.86
N VAL B 246 -9.01 3.68 0.43
CA VAL B 246 -9.89 4.08 -0.69
C VAL B 246 -9.52 3.50 -2.04
N TRP B 247 -8.28 3.02 -2.23
CA TRP B 247 -7.80 2.43 -3.47
C TRP B 247 -8.34 0.98 -3.71
N THR B 248 -8.98 0.39 -2.68
CA THR B 248 -9.54 -0.96 -2.69
C THR B 248 -11.07 -0.93 -2.86
N LYS B 249 -11.70 0.26 -2.74
CA LYS B 249 -13.15 0.42 -2.76
C LYS B 249 -13.64 0.78 -4.18
N GLU B 250 -14.98 0.78 -4.39
CA GLU B 250 -15.60 0.97 -5.71
C GLU B 250 -15.17 2.25 -6.45
N ASP B 251 -14.87 3.32 -5.70
CA ASP B 251 -14.45 4.57 -6.31
C ASP B 251 -12.94 4.74 -6.37
N LYS B 252 -12.18 3.64 -6.28
CA LYS B 252 -10.72 3.67 -6.35
C LYS B 252 -10.15 4.52 -7.53
N GLU B 253 -10.78 4.46 -8.70
CA GLU B 253 -10.30 5.19 -9.89
C GLU B 253 -10.42 6.68 -9.71
N ILE B 254 -11.45 7.13 -8.99
CA ILE B 254 -11.69 8.54 -8.71
C ILE B 254 -10.77 8.97 -7.57
N ASN B 255 -10.62 8.15 -6.52
CA ASN B 255 -9.93 8.58 -5.32
C ASN B 255 -8.46 8.30 -5.26
N SER B 256 -7.96 7.28 -5.97
CA SER B 256 -6.54 6.90 -5.98
C SER B 256 -5.94 6.83 -7.37
N PRO B 257 -6.12 7.85 -8.22
CA PRO B 257 -5.60 7.76 -9.59
C PRO B 257 -4.09 7.74 -9.75
N ASN B 258 -3.34 8.44 -8.90
CA ASN B 258 -1.87 8.43 -9.03
C ASN B 258 -1.32 7.10 -8.52
N LEU B 259 -1.84 6.59 -7.42
CA LEU B 259 -1.40 5.26 -6.97
C LEU B 259 -1.63 4.22 -8.06
N LEU B 260 -2.81 4.22 -8.68
CA LEU B 260 -3.16 3.26 -9.70
C LEU B 260 -2.30 3.40 -10.95
N LYS B 261 -2.02 4.63 -11.42
CA LYS B 261 -1.10 4.85 -12.56
C LYS B 261 0.23 4.23 -12.20
N MET B 262 0.72 4.53 -11.02
CA MET B 262 1.97 3.98 -10.49
C MET B 262 1.98 2.46 -10.51
N ILE B 263 0.97 1.77 -9.91
CA ILE B 263 0.91 0.28 -9.88
C ILE B 263 0.82 -0.31 -11.29
N ARG B 264 0.02 0.33 -12.14
CA ARG B 264 -0.11 -0.09 -13.53
C ARG B 264 1.18 0.04 -14.34
N HIS B 265 2.00 1.09 -14.10
CA HIS B 265 3.27 1.22 -14.80
C HIS B 265 4.13 0.02 -14.42
N THR B 266 4.23 -0.23 -13.11
CA THR B 266 4.98 -1.35 -12.56
C THR B 266 4.54 -2.66 -13.19
N THR B 267 3.23 -2.89 -13.24
CA THR B 267 2.67 -4.10 -13.83
C THR B 267 3.03 -4.18 -15.30
N ASN B 268 2.95 -3.06 -16.00
CA ASN B 268 3.30 -3.01 -17.39
C ASN B 268 4.73 -3.47 -17.61
N LEU B 269 5.68 -2.89 -16.89
CA LEU B 269 7.10 -3.23 -17.03
C LEU B 269 7.40 -4.68 -16.73
N THR B 270 6.76 -5.25 -15.70
CA THR B 270 6.92 -6.68 -15.38
C THR B 270 6.47 -7.53 -16.56
N LEU B 271 5.28 -7.25 -17.09
CA LEU B 271 4.74 -7.97 -18.24
C LEU B 271 5.59 -7.79 -19.51
N TRP B 272 6.16 -6.61 -19.70
CA TRP B 272 7.06 -6.35 -20.82
C TRP B 272 8.33 -7.20 -20.72
N PHE B 273 8.93 -7.25 -19.53
CA PHE B 273 10.11 -8.07 -19.31
C PHE B 273 9.79 -9.53 -19.62
N GLU B 274 8.63 -10.02 -19.19
CA GLU B 274 8.24 -11.40 -19.48
C GLU B 274 8.04 -11.62 -20.99
N LYS B 275 7.36 -10.69 -21.67
CA LYS B 275 7.08 -10.74 -23.10
C LYS B 275 8.41 -10.78 -23.88
N CYS B 276 9.34 -9.88 -23.56
CA CYS B 276 10.69 -9.84 -24.14
C CYS B 276 11.33 -11.19 -24.00
N ILE B 277 11.19 -11.82 -22.82
CA ILE B 277 11.78 -13.12 -22.58
C ILE B 277 11.14 -14.19 -23.44
N VAL B 278 9.84 -14.43 -23.28
CA VAL B 278 9.17 -15.55 -23.98
C VAL B 278 9.00 -15.35 -25.51
N GLU B 279 9.00 -14.13 -26.02
CA GLU B 279 8.92 -13.94 -27.46
C GLU B 279 10.31 -14.01 -28.11
N THR B 280 11.37 -14.23 -27.35
CA THR B 280 12.71 -14.41 -27.88
C THR B 280 12.86 -15.89 -27.90
N GLU B 281 12.45 -16.51 -29.00
CA GLU B 281 12.40 -17.96 -29.11
C GLU B 281 13.79 -18.62 -29.22
N ASN B 282 14.75 -17.95 -29.85
CA ASN B 282 16.12 -18.49 -29.92
C ASN B 282 16.75 -18.46 -28.49
N LEU B 283 17.17 -19.63 -28.00
CA LEU B 283 17.77 -19.76 -26.67
C LEU B 283 18.96 -18.82 -26.38
N GLU B 284 19.96 -18.72 -27.27
CA GLU B 284 21.12 -17.86 -27.09
C GLU B 284 20.69 -16.38 -27.01
N GLU B 285 19.72 -15.98 -27.86
CA GLU B 285 19.19 -14.61 -27.82
C GLU B 285 18.37 -14.42 -26.56
N ARG B 286 17.62 -15.46 -26.12
CA ARG B 286 16.84 -15.37 -24.90
C ARG B 286 17.71 -15.28 -23.67
N VAL B 287 18.89 -15.93 -23.70
CA VAL B 287 19.89 -15.85 -22.62
C VAL B 287 20.43 -14.42 -22.58
N ALA B 288 20.56 -13.75 -23.73
CA ALA B 288 21.03 -12.36 -23.77
C ALA B 288 20.00 -11.41 -23.15
N VAL B 289 18.72 -11.71 -23.35
CA VAL B 289 17.59 -10.94 -22.84
C VAL B 289 17.48 -11.05 -21.32
N VAL B 290 17.54 -12.24 -20.77
CA VAL B 290 17.45 -12.44 -19.32
C VAL B 290 18.67 -11.77 -18.66
N SER B 291 19.88 -11.96 -19.22
CA SER B 291 21.10 -11.32 -18.72
C SER B 291 20.96 -9.81 -18.71
N ARG B 292 20.48 -9.23 -19.83
CA ARG B 292 20.34 -7.77 -19.92
C ARG B 292 19.39 -7.22 -18.85
N ILE B 293 18.30 -7.95 -18.55
CA ILE B 293 17.30 -7.55 -17.55
C ILE B 293 17.92 -7.59 -16.16
N ILE B 294 18.75 -8.61 -15.90
CA ILE B 294 19.47 -8.71 -14.63
C ILE B 294 20.45 -7.53 -14.50
N GLU B 295 20.99 -7.03 -15.62
CA GLU B 295 21.86 -5.84 -15.61
C GLU B 295 21.03 -4.60 -15.26
N ILE B 296 19.81 -4.50 -15.80
CA ILE B 296 18.88 -3.40 -15.46
C ILE B 296 18.56 -3.48 -13.95
N LEU B 297 18.38 -4.69 -13.41
CA LEU B 297 18.14 -4.94 -11.97
C LEU B 297 19.31 -4.47 -11.12
N GLN B 298 20.53 -4.79 -11.55
CA GLN B 298 21.75 -4.44 -10.85
C GLN B 298 21.90 -2.92 -10.72
N VAL B 299 21.52 -2.16 -11.78
CA VAL B 299 21.55 -0.69 -11.78
C VAL B 299 20.41 -0.16 -10.91
N PHE B 300 19.21 -0.81 -10.93
CA PHE B 300 18.10 -0.40 -10.06
C PHE B 300 18.61 -0.55 -8.62
N GLN B 301 19.30 -1.68 -8.30
CA GLN B 301 19.86 -1.90 -6.96
C GLN B 301 20.83 -0.75 -6.59
N GLU B 302 21.71 -0.36 -7.52
CA GLU B 302 22.64 0.76 -7.31
C GLU B 302 21.89 2.06 -6.98
N LEU B 303 20.83 2.34 -7.74
CA LEU B 303 20.02 3.55 -7.62
C LEU B 303 19.00 3.53 -6.48
N ASN B 304 18.88 2.43 -5.76
CA ASN B 304 17.88 2.26 -4.69
C ASN B 304 16.44 2.39 -5.24
N ASN B 305 16.17 1.83 -6.42
CA ASN B 305 14.82 1.80 -6.98
C ASN B 305 14.30 0.40 -6.67
N PHE B 306 13.70 0.24 -5.48
CA PHE B 306 13.20 -1.07 -5.08
C PHE B 306 11.94 -1.50 -5.85
N ASN B 307 11.17 -0.54 -6.39
CA ASN B 307 10.04 -0.82 -7.26
C ASN B 307 10.58 -1.51 -8.50
N GLY B 308 11.58 -0.91 -9.13
CA GLY B 308 12.29 -1.44 -10.27
C GLY B 308 12.85 -2.83 -9.99
N VAL B 309 13.59 -2.98 -8.88
CA VAL B 309 14.12 -4.30 -8.44
C VAL B 309 13.01 -5.36 -8.40
N LEU B 310 11.85 -5.02 -7.83
CA LEU B 310 10.77 -6.00 -7.72
C LEU B 310 9.98 -6.22 -9.03
N GLU B 311 10.03 -5.27 -9.98
CA GLU B 311 9.43 -5.44 -11.30
C GLU B 311 10.16 -6.59 -12.01
N VAL B 312 11.50 -6.57 -11.90
CA VAL B 312 12.36 -7.59 -12.50
C VAL B 312 12.18 -8.87 -11.75
N VAL B 313 12.22 -8.84 -10.42
CA VAL B 313 12.06 -10.08 -9.66
C VAL B 313 10.71 -10.72 -9.94
N SER B 314 9.63 -9.93 -10.10
CA SER B 314 8.29 -10.48 -10.36
C SER B 314 8.18 -11.14 -11.72
N ALA B 315 8.81 -10.54 -12.73
CA ALA B 315 8.90 -11.11 -14.08
C ALA B 315 9.70 -12.40 -14.05
N MET B 316 10.80 -12.44 -13.29
CA MET B 316 11.61 -13.66 -13.22
C MET B 316 10.92 -14.80 -12.52
N ASN B 317 10.08 -14.48 -11.53
CA ASN B 317 9.34 -15.48 -10.76
C ASN B 317 7.94 -15.78 -11.31
N SER B 318 7.57 -15.17 -12.44
CA SER B 318 6.31 -15.44 -13.12
C SER B 318 6.31 -16.85 -13.68
N SER B 319 5.11 -17.42 -13.86
CA SER B 319 4.97 -18.80 -14.33
C SER B 319 5.61 -19.04 -15.65
N PRO B 320 5.51 -18.12 -16.64
CA PRO B 320 6.19 -18.35 -17.92
C PRO B 320 7.71 -18.30 -17.85
N VAL B 321 8.29 -17.40 -17.06
CA VAL B 321 9.74 -17.22 -17.01
C VAL B 321 10.40 -18.24 -16.09
N TYR B 322 9.91 -18.40 -14.86
CA TYR B 322 10.47 -19.31 -13.85
C TYR B 322 10.89 -20.67 -14.40
N ARG B 323 10.05 -21.27 -15.21
CA ARG B 323 10.22 -22.61 -15.77
C ARG B 323 11.30 -22.75 -16.91
N LEU B 324 11.90 -21.66 -17.36
CA LEU B 324 12.86 -21.69 -18.45
C LEU B 324 14.26 -22.10 -17.98
N ASP B 325 14.37 -23.37 -17.57
CA ASP B 325 15.61 -23.97 -17.03
C ASP B 325 16.77 -23.93 -18.01
N HIS B 326 16.54 -24.13 -19.32
CA HIS B 326 17.64 -24.07 -20.30
C HIS B 326 18.20 -22.65 -20.45
N THR B 327 17.41 -21.64 -20.13
CA THR B 327 17.83 -20.24 -20.23
C THR B 327 18.64 -19.89 -19.01
N PHE B 328 18.12 -20.16 -17.79
CA PHE B 328 18.84 -19.81 -16.55
C PHE B 328 20.15 -20.58 -16.39
N GLU B 329 20.26 -21.79 -16.94
CA GLU B 329 21.48 -22.62 -16.92
C GLU B 329 22.68 -21.89 -17.57
N GLN B 330 22.42 -21.15 -18.66
CA GLN B 330 23.42 -20.46 -19.48
C GLN B 330 23.70 -19.01 -19.00
N ILE B 331 23.06 -18.59 -17.91
CA ILE B 331 23.25 -17.25 -17.33
C ILE B 331 24.51 -17.30 -16.47
N PRO B 332 25.43 -16.31 -16.59
CA PRO B 332 26.64 -16.30 -15.75
C PRO B 332 26.30 -16.31 -14.28
N SER B 333 27.12 -16.96 -13.45
CA SER B 333 26.90 -17.03 -12.00
C SER B 333 26.83 -15.65 -11.28
N ARG B 334 27.50 -14.64 -11.81
CA ARG B 334 27.47 -13.29 -11.22
C ARG B 334 26.04 -12.78 -11.26
N GLN B 335 25.39 -12.99 -12.42
CA GLN B 335 24.03 -12.57 -12.69
C GLN B 335 23.04 -13.45 -11.92
N LYS B 336 23.30 -14.75 -11.82
CA LYS B 336 22.45 -15.62 -11.00
C LYS B 336 22.43 -15.12 -9.56
N LYS B 337 23.63 -14.84 -9.00
CA LYS B 337 23.81 -14.36 -7.61
C LYS B 337 23.14 -13.04 -7.40
N ILE B 338 23.28 -12.10 -8.37
CA ILE B 338 22.59 -10.79 -8.31
C ILE B 338 21.06 -11.03 -8.19
N LEU B 339 20.51 -11.92 -9.03
CA LEU B 339 19.08 -12.21 -9.06
C LEU B 339 18.68 -12.92 -7.80
N GLU B 340 19.55 -13.78 -7.30
CA GLU B 340 19.26 -14.48 -6.05
C GLU B 340 19.14 -13.53 -4.83
N GLU B 341 20.02 -12.54 -4.70
CA GLU B 341 19.93 -11.62 -3.53
C GLU B 341 18.72 -10.71 -3.62
N ALA B 342 18.36 -10.29 -4.85
CA ALA B 342 17.19 -9.47 -5.13
C ALA B 342 15.93 -10.25 -4.81
N HIS B 343 15.91 -11.54 -5.13
CA HIS B 343 14.78 -12.39 -4.79
C HIS B 343 14.63 -12.50 -3.29
N GLU B 344 15.76 -12.69 -2.57
CA GLU B 344 15.75 -12.82 -1.11
C GLU B 344 15.25 -11.58 -0.40
N LEU B 345 15.24 -10.39 -1.03
CA LEU B 345 14.67 -9.20 -0.42
C LEU B 345 13.18 -9.42 -0.08
N SER B 346 12.46 -10.18 -0.95
CA SER B 346 11.04 -10.54 -0.83
C SER B 346 10.74 -11.68 0.14
N GLU B 347 11.74 -12.49 0.48
CA GLU B 347 11.59 -13.63 1.38
C GLU B 347 11.27 -13.24 2.81
N ASP B 348 10.69 -14.18 3.56
CA ASP B 348 10.27 -14.00 4.95
C ASP B 348 9.51 -12.69 5.18
N HIS B 349 8.48 -12.45 4.36
CA HIS B 349 7.62 -11.27 4.39
C HIS B 349 8.38 -9.95 4.26
N TYR B 350 9.24 -9.87 3.23
CA TYR B 350 10.05 -8.69 2.93
C TYR B 350 11.01 -8.26 4.05
N LYS B 351 11.56 -9.24 4.81
CA LYS B 351 12.46 -8.98 5.96
C LYS B 351 13.70 -8.19 5.54
N LYS B 352 14.44 -8.73 4.55
CA LYS B 352 15.64 -8.08 4.04
C LYS B 352 15.28 -6.77 3.29
N TYR B 353 14.14 -6.72 2.55
CA TYR B 353 13.74 -5.46 1.89
C TYR B 353 13.60 -4.37 2.92
N LEU B 354 12.78 -4.63 3.95
CA LEU B 354 12.51 -3.68 5.04
C LEU B 354 13.78 -3.18 5.71
N ALA B 355 14.71 -4.10 6.03
CA ALA B 355 16.00 -3.76 6.62
C ALA B 355 16.82 -2.89 5.68
N LYS B 356 16.89 -3.27 4.38
CA LYS B 356 17.67 -2.53 3.41
C LYS B 356 17.11 -1.12 3.14
N LEU B 357 15.79 -0.94 3.23
CA LEU B 357 15.16 0.35 3.00
C LEU B 357 15.50 1.27 4.15
N ARG B 358 15.52 0.77 5.39
CA ARG B 358 15.92 1.56 6.57
C ARG B 358 17.43 1.93 6.56
N SER B 359 18.29 1.11 5.95
CA SER B 359 19.74 1.32 5.93
C SER B 359 20.22 2.33 4.88
N ILE B 360 19.37 2.67 3.92
CA ILE B 360 19.76 3.56 2.83
C ILE B 360 19.14 4.92 3.07
N ASN B 361 19.70 5.91 2.38
CA ASN B 361 19.22 7.28 2.44
C ASN B 361 18.81 7.72 1.03
N PRO B 362 17.75 8.56 0.94
CA PRO B 362 17.30 9.05 -0.37
C PRO B 362 18.39 9.62 -1.31
N PRO B 363 18.12 9.73 -2.61
CA PRO B 363 16.89 9.34 -3.31
C PRO B 363 16.72 7.82 -3.41
N CYS B 364 15.47 7.38 -3.28
CA CYS B 364 15.10 5.98 -3.45
C CYS B 364 13.66 5.88 -3.94
N VAL B 365 13.29 4.72 -4.48
CA VAL B 365 11.93 4.47 -4.92
C VAL B 365 11.46 3.26 -4.16
N PRO B 366 10.70 3.45 -3.07
CA PRO B 366 10.21 2.29 -2.34
C PRO B 366 9.18 1.48 -3.11
N PHE B 367 8.99 0.23 -2.71
CA PHE B 367 7.95 -0.64 -3.20
C PHE B 367 6.72 -0.29 -2.37
N PHE B 368 5.64 0.17 -3.02
CA PHE B 368 4.42 0.63 -2.35
C PHE B 368 3.53 -0.46 -1.76
N GLY B 369 3.57 -1.67 -2.30
CA GLY B 369 2.67 -2.74 -1.90
C GLY B 369 2.56 -3.01 -0.41
N ILE B 370 3.70 -2.99 0.27
CA ILE B 370 3.80 -3.22 1.71
C ILE B 370 3.00 -2.16 2.45
N TYR B 371 3.17 -0.88 2.06
CA TYR B 371 2.47 0.24 2.68
C TYR B 371 0.98 0.10 2.56
N LEU B 372 0.53 -0.29 1.37
CA LEU B 372 -0.89 -0.55 1.03
C LEU B 372 -1.46 -1.62 1.93
N THR B 373 -0.81 -2.77 2.01
CA THR B 373 -1.28 -3.83 2.94
C THR B 373 -1.35 -3.37 4.39
N ASN B 374 -0.31 -2.71 4.87
CA ASN B 374 -0.24 -2.27 6.27
C ASN B 374 -1.32 -1.25 6.63
N ILE B 375 -1.65 -0.35 5.71
CA ILE B 375 -2.72 0.63 5.93
C ILE B 375 -4.06 -0.09 5.92
N LEU B 376 -4.29 -0.99 4.97
CA LEU B 376 -5.55 -1.73 4.89
C LEU B 376 -5.84 -2.50 6.14
N LYS B 377 -4.89 -3.36 6.53
CA LYS B 377 -4.96 -4.22 7.71
C LYS B 377 -5.00 -3.46 9.01
N THR B 378 -4.41 -2.27 9.07
CA THR B 378 -4.51 -1.43 10.27
C THR B 378 -5.95 -0.98 10.37
N GLU B 379 -6.50 -0.46 9.27
CA GLU B 379 -7.88 0.03 9.27
C GLU B 379 -8.95 -1.02 9.38
N GLU B 380 -8.71 -2.21 8.84
CA GLU B 380 -9.69 -3.30 8.89
C GLU B 380 -9.55 -4.16 10.16
N GLY B 381 -8.33 -4.21 10.71
CA GLY B 381 -8.04 -5.00 11.90
C GLY B 381 -8.17 -4.31 13.23
N ASN B 382 -8.67 -3.07 13.28
CA ASN B 382 -8.83 -2.31 14.53
C ASN B 382 -10.17 -1.59 14.54
N PRO B 383 -10.82 -1.46 15.71
CA PRO B 383 -12.13 -0.85 15.74
C PRO B 383 -12.16 0.65 15.51
N GLU B 384 -13.23 1.14 14.88
CA GLU B 384 -13.38 2.58 14.64
C GLU B 384 -13.67 3.30 15.95
N VAL B 385 -14.24 2.56 16.91
CA VAL B 385 -14.72 3.05 18.19
C VAL B 385 -14.34 2.11 19.31
N LEU B 386 -14.04 2.68 20.47
CA LEU B 386 -13.81 1.95 21.72
C LEU B 386 -14.92 2.41 22.64
N LYS B 387 -15.43 1.54 23.49
CA LYS B 387 -16.52 1.92 24.40
C LYS B 387 -16.05 1.86 25.85
N ARG B 388 -16.18 2.97 26.58
CA ARG B 388 -15.75 3.03 27.98
C ARG B 388 -16.96 3.51 28.78
N HIS B 389 -17.39 2.70 29.77
CA HIS B 389 -18.59 2.96 30.59
C HIS B 389 -19.84 3.19 29.73
N GLY B 390 -19.99 2.39 28.65
CA GLY B 390 -21.11 2.48 27.74
C GLY B 390 -21.08 3.58 26.70
N LYS B 391 -20.22 4.61 26.85
CA LYS B 391 -20.11 5.73 25.89
C LYS B 391 -19.09 5.38 24.80
N GLU B 392 -19.40 5.72 23.53
CA GLU B 392 -18.54 5.47 22.36
C GLU B 392 -17.47 6.54 22.25
N LEU B 393 -16.22 6.12 22.01
CA LEU B 393 -15.07 7.02 21.81
C LEU B 393 -14.38 6.68 20.51
N ILE B 394 -13.99 7.70 19.76
CA ILE B 394 -13.28 7.49 18.50
C ILE B 394 -11.91 6.92 18.84
N ASN B 395 -11.52 5.84 18.15
CA ASN B 395 -10.20 5.21 18.33
C ASN B 395 -9.19 6.03 17.51
N PHE B 396 -8.43 6.93 18.16
CA PHE B 396 -7.48 7.78 17.45
C PHE B 396 -6.15 7.08 17.21
N SER B 397 -5.79 6.10 18.04
CA SER B 397 -4.53 5.34 17.92
C SER B 397 -4.45 4.58 16.62
N LYS B 398 -5.60 4.06 16.18
CA LYS B 398 -5.81 3.42 14.89
C LYS B 398 -5.44 4.42 13.82
N ARG B 399 -5.96 5.65 13.93
CA ARG B 399 -5.70 6.73 12.97
C ARG B 399 -4.25 7.18 12.97
N ARG B 400 -3.68 7.42 14.17
CA ARG B 400 -2.25 7.72 14.33
C ARG B 400 -1.42 6.65 13.62
N LYS B 401 -1.67 5.39 13.92
CA LYS B 401 -0.98 4.25 13.29
C LYS B 401 -0.94 4.35 11.75
N VAL B 402 -2.03 4.84 11.12
CA VAL B 402 -2.13 5.00 9.66
C VAL B 402 -1.31 6.22 9.22
N ALA B 403 -1.41 7.34 9.98
CA ALA B 403 -0.66 8.57 9.68
C ALA B 403 0.87 8.35 9.76
N GLU B 404 1.30 7.38 10.58
CA GLU B 404 2.70 6.99 10.68
C GLU B 404 3.17 6.35 9.37
N ILE B 405 2.31 5.54 8.70
CA ILE B 405 2.66 4.88 7.43
C ILE B 405 2.69 5.92 6.31
N THR B 406 1.70 6.82 6.28
CA THR B 406 1.65 7.87 5.27
C THR B 406 2.79 8.86 5.43
N GLY B 407 3.25 9.05 6.67
CA GLY B 407 4.37 9.93 6.97
C GLY B 407 5.65 9.33 6.44
N GLU B 408 5.83 8.02 6.67
CA GLU B 408 6.96 7.28 6.10
C GLU B 408 6.91 7.34 4.57
N ILE B 409 5.72 7.23 3.95
CA ILE B 409 5.63 7.33 2.49
C ILE B 409 6.16 8.70 2.06
N GLN B 410 5.74 9.77 2.73
CA GLN B 410 6.16 11.12 2.41
C GLN B 410 7.66 11.39 2.67
N GLN B 411 8.30 10.71 3.65
CA GLN B 411 9.73 10.98 3.92
C GLN B 411 10.61 10.61 2.74
N TYR B 412 10.23 9.57 1.97
CA TYR B 412 10.96 9.17 0.76
C TYR B 412 10.53 9.95 -0.53
N GLN B 413 9.49 10.80 -0.46
CA GLN B 413 9.03 11.62 -1.59
C GLN B 413 9.70 13.01 -1.70
N ASN B 414 10.53 13.38 -0.72
CA ASN B 414 11.11 14.72 -0.69
C ASN B 414 12.26 14.84 -1.64
N GLN B 415 13.14 13.85 -1.59
CA GLN B 415 14.36 13.83 -2.38
C GLN B 415 14.23 13.38 -3.85
N PRO B 416 14.64 14.25 -4.81
CA PRO B 416 14.65 13.84 -6.21
C PRO B 416 15.97 13.20 -6.57
N TYR B 417 16.04 12.67 -7.78
CA TYR B 417 17.22 11.98 -8.33
C TYR B 417 18.02 12.95 -9.20
N CYS B 418 19.35 12.93 -9.07
CA CYS B 418 20.24 13.79 -9.88
C CYS B 418 20.63 13.00 -11.12
N LEU B 419 19.64 12.81 -12.01
CA LEU B 419 19.77 12.09 -13.26
C LEU B 419 19.02 12.91 -14.33
N ARG B 420 19.64 13.07 -15.52
CA ARG B 420 19.05 13.84 -16.61
C ARG B 420 17.99 13.01 -17.30
N VAL B 421 16.83 13.61 -17.53
CA VAL B 421 15.72 13.01 -18.29
C VAL B 421 16.10 12.98 -19.76
N GLU B 422 15.94 11.83 -20.43
CA GLU B 422 16.09 11.67 -21.88
C GLU B 422 14.63 11.52 -22.32
N SER B 423 14.08 12.56 -22.95
CA SER B 423 12.68 12.67 -23.31
C SER B 423 12.15 11.60 -24.23
N ASP B 424 12.97 11.05 -25.11
CA ASP B 424 12.53 9.98 -26.02
C ASP B 424 12.52 8.64 -25.32
N ILE B 425 13.57 8.36 -24.53
CA ILE B 425 13.64 7.10 -23.79
C ILE B 425 12.48 7.14 -22.80
N LYS B 426 12.28 8.28 -22.11
CA LYS B 426 11.18 8.45 -21.17
C LYS B 426 9.84 8.04 -21.80
N ARG B 427 9.53 8.63 -22.95
CA ARG B 427 8.29 8.43 -23.70
C ARG B 427 8.16 6.99 -24.19
N PHE B 428 9.26 6.34 -24.53
CA PHE B 428 9.25 4.95 -24.95
C PHE B 428 8.65 4.02 -23.87
N PHE B 429 9.07 4.20 -22.62
CA PHE B 429 8.58 3.41 -21.49
C PHE B 429 7.22 3.84 -21.05
N GLU B 430 6.94 5.15 -21.06
CA GLU B 430 5.60 5.64 -20.77
C GLU B 430 4.54 5.00 -21.69
N ASN B 431 4.88 4.78 -22.98
CA ASN B 431 3.96 4.26 -24.00
C ASN B 431 4.00 2.75 -24.20
N LEU B 432 4.79 2.02 -23.42
CA LEU B 432 4.78 0.56 -23.53
C LEU B 432 3.37 0.04 -23.26
N ASN B 433 2.95 -0.96 -24.02
CA ASN B 433 1.66 -1.62 -23.85
C ASN B 433 1.84 -3.09 -24.25
N PRO B 434 2.50 -3.90 -23.39
CA PRO B 434 2.77 -5.29 -23.79
C PRO B 434 1.54 -6.16 -24.00
N MET B 435 0.45 -5.81 -23.30
CA MET B 435 -0.81 -6.53 -23.37
C MET B 435 -1.55 -6.25 -24.66
N GLY B 436 -1.42 -5.05 -25.18
CA GLY B 436 -2.12 -4.63 -26.40
C GLY B 436 -3.60 -4.46 -26.09
N ASN B 437 -4.46 -5.02 -26.95
CA ASN B 437 -5.91 -4.97 -26.72
C ASN B 437 -6.40 -6.21 -25.95
N SER B 438 -5.49 -7.07 -25.48
CA SER B 438 -5.85 -8.31 -24.82
C SER B 438 -6.16 -8.14 -23.38
N MET B 439 -7.01 -9.01 -22.87
CA MET B 439 -7.36 -9.00 -21.46
C MET B 439 -6.28 -9.79 -20.72
N GLU B 440 -6.18 -9.55 -19.41
CA GLU B 440 -5.17 -10.15 -18.55
C GLU B 440 -5.01 -11.64 -18.79
N LYS B 441 -6.11 -12.42 -18.67
CA LYS B 441 -6.10 -13.88 -18.80
C LYS B 441 -5.61 -14.35 -20.18
N GLU B 442 -6.14 -13.71 -21.22
CA GLU B 442 -5.76 -13.95 -22.64
C GLU B 442 -4.24 -13.83 -22.77
N PHE B 443 -3.71 -12.68 -22.30
CA PHE B 443 -2.30 -12.33 -22.41
C PHE B 443 -1.40 -13.22 -21.54
N THR B 444 -1.90 -13.52 -20.36
CA THR B 444 -1.20 -14.35 -19.40
C THR B 444 -1.04 -15.75 -19.94
N ASP B 445 -2.10 -16.26 -20.59
CA ASP B 445 -2.11 -17.59 -21.18
C ASP B 445 -1.24 -17.61 -22.39
N TYR B 446 -1.17 -16.52 -23.15
CA TYR B 446 -0.31 -16.45 -24.33
C TYR B 446 1.16 -16.51 -23.90
N LEU B 447 1.54 -15.72 -22.89
CA LEU B 447 2.90 -15.74 -22.36
C LEU B 447 3.29 -17.13 -21.90
N PHE B 448 2.35 -17.85 -21.22
CA PHE B 448 2.60 -19.21 -20.76
C PHE B 448 2.70 -20.18 -21.92
N ASN B 449 1.82 -20.06 -22.93
CA ASN B 449 1.89 -20.96 -24.05
C ASN B 449 3.16 -20.72 -24.87
N LYS B 450 3.70 -19.48 -24.87
CA LYS B 450 4.98 -19.22 -25.52
C LYS B 450 6.10 -19.87 -24.72
N SER B 451 6.02 -19.83 -23.39
CA SER B 451 7.03 -20.49 -22.56
C SER B 451 7.08 -22.00 -22.86
N LEU B 452 5.92 -22.68 -22.89
CA LEU B 452 5.85 -24.11 -23.23
C LEU B 452 6.34 -24.38 -24.65
N GLU B 453 6.12 -23.47 -25.59
CA GLU B 453 6.57 -23.63 -26.97
C GLU B 453 8.12 -23.57 -27.05
N ILE B 454 8.70 -22.49 -26.51
CA ILE B 454 10.15 -22.28 -26.58
C ILE B 454 10.94 -23.30 -25.77
N GLU B 455 10.36 -23.79 -24.68
CA GLU B 455 10.96 -24.81 -23.84
C GLU B 455 9.89 -25.76 -23.36
N PRO B 456 9.59 -26.78 -24.16
CA PRO B 456 8.57 -27.77 -23.76
C PRO B 456 8.76 -28.47 -22.42
N ARG B 457 7.66 -28.97 -21.90
CA ARG B 457 7.62 -29.70 -20.66
C ARG B 457 8.27 -31.06 -20.93
N ASN B 458 9.17 -31.49 -20.05
CA ASN B 458 9.85 -32.78 -20.20
C ASN B 458 8.82 -33.93 -20.26
N PRO B 459 9.10 -35.04 -20.98
CA PRO B 459 10.33 -35.35 -21.71
C PRO B 459 10.34 -34.90 -23.16
N LYS B 460 9.57 -33.83 -23.53
CA LYS B 460 9.57 -33.34 -24.90
C LYS B 460 10.94 -32.73 -25.19
N PRO B 461 11.57 -33.08 -26.33
CA PRO B 461 12.91 -32.54 -26.62
C PRO B 461 12.91 -31.04 -26.85
N LEU B 462 14.07 -30.40 -26.59
CA LEU B 462 14.21 -28.96 -26.75
C LEU B 462 14.32 -28.61 -28.24
N PRO B 463 13.38 -27.85 -28.85
CA PRO B 463 13.54 -27.51 -30.27
C PRO B 463 14.59 -26.42 -30.45
N ARG B 464 14.82 -26.00 -31.70
CA ARG B 464 15.68 -24.87 -32.02
C ARG B 464 14.84 -23.87 -32.78
N PHE B 465 15.11 -22.58 -32.61
CA PHE B 465 14.33 -21.51 -33.24
C PHE B 465 15.27 -20.51 -33.85
N PRO B 466 14.89 -19.89 -34.98
CA PRO B 466 15.79 -18.92 -35.62
C PRO B 466 15.97 -17.65 -34.80
N LYS B 467 17.08 -16.98 -35.06
CA LYS B 467 17.40 -15.72 -34.44
C LYS B 467 16.46 -14.66 -35.01
N LYS B 468 16.17 -13.61 -34.20
CA LYS B 468 15.30 -12.50 -34.57
C LYS B 468 16.00 -11.15 -34.54
N TYR B 469 17.23 -11.07 -33.97
CA TYR B 469 17.97 -9.82 -33.85
C TYR B 469 19.12 -9.77 -34.84
N SER B 470 19.11 -8.75 -35.72
CA SER B 470 20.15 -8.51 -36.72
C SER B 470 21.40 -7.85 -36.09
N TYR B 471 21.21 -7.16 -34.94
CA TYR B 471 22.28 -6.45 -34.24
C TYR B 471 23.01 -7.32 -33.22
N PRO B 472 24.20 -6.91 -32.70
CA PRO B 472 24.92 -7.77 -31.74
C PRO B 472 24.27 -7.83 -30.34
N LEU B 473 24.38 -9.00 -29.71
CA LEU B 473 23.78 -9.32 -28.41
C LEU B 473 24.63 -8.95 -27.22
N LYS B 474 25.94 -8.78 -27.43
CA LYS B 474 26.88 -8.47 -26.35
C LYS B 474 26.51 -7.16 -25.68
N SER B 475 26.51 -7.19 -24.35
CA SER B 475 26.14 -6.04 -23.55
C SER B 475 27.27 -5.05 -23.47
N PRO B 476 26.96 -3.74 -23.39
CA PRO B 476 28.01 -2.76 -23.08
C PRO B 476 28.40 -2.74 -21.59
N GLY B 477 27.64 -3.45 -20.73
CA GLY B 477 27.90 -3.51 -19.30
C GLY B 477 27.14 -2.45 -18.52
N VAL B 478 27.29 -2.45 -17.17
CA VAL B 478 26.60 -1.49 -16.28
C VAL B 478 27.55 -0.45 -15.65
N ARG B 479 28.73 -0.32 -16.21
CA ARG B 479 29.73 0.63 -15.77
C ARG B 479 29.71 1.75 -16.83
N PRO B 480 29.56 3.03 -16.43
CA PRO B 480 29.56 4.13 -17.42
C PRO B 480 30.75 4.16 -18.39
N SER B 481 30.47 4.65 -19.59
CA SER B 481 31.41 4.70 -20.72
C SER B 481 32.38 5.90 -20.62
N ASN B 482 31.92 7.00 -19.99
CA ASN B 482 32.72 8.21 -19.81
C ASN B 482 32.67 8.61 -18.31
N PRO B 483 33.60 9.48 -17.84
CA PRO B 483 33.58 9.86 -16.42
C PRO B 483 32.41 10.78 -16.02
#